data_2Y60
#
_entry.id   2Y60
#
_cell.length_a   46.523
_cell.length_b   70.882
_cell.length_c   100.923
_cell.angle_alpha   90.00
_cell.angle_beta   90.00
_cell.angle_gamma   90.00
#
_symmetry.space_group_name_H-M   'P 21 21 21'
#
loop_
_entity.id
_entity.type
_entity.pdbx_description
1 polymer 'ISOPENICILLIN N SYNTHASE'
2 non-polymer N-[(5S)-5-amino-5-carboxypentanoyl]-L-cysteinyl-D-methionine
3 non-polymer 'FE (III) ION'
4 non-polymer 'SULFATE ION'
5 non-polymer GLYCEROL
6 water water
#
_entity_poly.entity_id   1
_entity_poly.type   'polypeptide(L)'
_entity_poly.pdbx_seq_one_letter_code
;MGSVSKANVPKIDVSPLFGDDQAAKMRVAQQIDAASRDTGFFYAVNHGINVQRLSQKTKEFHMSITPEEKWDLAIRAYNK
EHQDQVRAGYYLSIPGKKAVESFCYLNPNFTPDHPRIQAKTPTHEVNVWPDETKHPGFQDFAEQYYWDVFGLSSALLKGY
ALALGKEENFFARHFKPDDTLASVVLIRYPYLDPYPEAAIKTAADGTKLSFEWHEDVSLITVLYQSNVQNLQVETAAGYQ
DIEADDTGYLINCGSYMAHLTNNYYKAPIHRVKWVNAERQSLPFFVNLGYDSVIDPFDPREPNGKSDREPLSYGDYLQNG
LVSLINKNGQT
;
_entity_poly.pdbx_strand_id   A
#
loop_
_chem_comp.id
_chem_comp.type
_chem_comp.name
_chem_comp.formula
FE non-polymer 'FE (III) ION' 'Fe 3'
GOL non-polymer GLYCEROL 'C3 H8 O3'
M8F non-polymer N-[(5S)-5-amino-5-carboxypentanoyl]-L-cysteinyl-D-methionine 'C14 H25 N3 O6 S2'
SO4 non-polymer 'SULFATE ION' 'O4 S -2'
#
# COMPACT_ATOMS: atom_id res chain seq x y z
N SER A 3 -15.80 17.47 -15.52
CA SER A 3 -16.82 16.53 -16.06
C SER A 3 -16.84 15.20 -15.29
N VAL A 4 -15.82 14.91 -14.47
CA VAL A 4 -15.72 13.61 -13.77
C VAL A 4 -16.66 13.45 -12.53
N SER A 5 -17.48 12.40 -12.43
CA SER A 5 -18.30 12.30 -11.19
C SER A 5 -17.49 11.68 -10.00
N LYS A 6 -17.98 11.92 -8.78
CA LYS A 6 -17.36 11.44 -7.52
C LYS A 6 -17.66 9.94 -7.34
N ALA A 7 -16.64 9.17 -7.00
CA ALA A 7 -16.76 7.78 -6.65
C ALA A 7 -17.42 7.65 -5.28
N ASN A 8 -18.24 6.62 -5.14
CA ASN A 8 -18.79 6.24 -3.85
C ASN A 8 -17.73 5.58 -3.03
N VAL A 9 -17.24 6.33 -2.04
CA VAL A 9 -16.25 5.78 -1.16
C VAL A 9 -16.73 6.02 0.27
N PRO A 10 -17.42 5.04 0.85
CA PRO A 10 -17.99 5.24 2.18
C PRO A 10 -16.94 5.30 3.27
N LYS A 11 -17.28 6.03 4.33
CA LYS A 11 -16.49 6.06 5.52
C LYS A 11 -17.03 5.01 6.43
N ILE A 12 -16.18 4.06 6.81
CA ILE A 12 -16.56 2.95 7.71
C ILE A 12 -15.77 3.06 9.02
N ASP A 13 -16.52 3.09 10.13
CA ASP A 13 -15.97 3.06 11.48
C ASP A 13 -15.51 1.66 11.76
N VAL A 14 -14.18 1.45 11.70
CA VAL A 14 -13.59 0.12 11.89
C VAL A 14 -13.28 -0.14 13.35
N SER A 15 -13.63 0.76 14.26
CA SER A 15 -13.25 0.55 15.67
C SER A 15 -13.75 -0.77 16.27
N PRO A 16 -14.97 -1.23 15.86
CA PRO A 16 -15.31 -2.53 16.45
C PRO A 16 -14.37 -3.70 16.08
N LEU A 17 -13.64 -3.62 14.97
CA LEU A 17 -12.72 -4.70 14.65
C LEU A 17 -11.56 -4.86 15.61
N PHE A 18 -11.39 -3.92 16.55
CA PHE A 18 -10.34 -4.02 17.56
C PHE A 18 -10.83 -4.65 18.81
N GLY A 19 -12.13 -4.93 18.89
CA GLY A 19 -12.76 -5.34 20.21
C GLY A 19 -13.38 -6.75 20.08
N ASP A 20 -14.28 -7.04 21.02
CA ASP A 20 -14.81 -8.38 21.18
CA ASP A 20 -14.83 -8.36 21.17
C ASP A 20 -16.34 -8.43 21.00
N ASP A 21 -16.92 -7.46 20.33
CA ASP A 21 -18.37 -7.45 20.16
C ASP A 21 -18.66 -8.03 18.77
N GLN A 22 -18.99 -9.32 18.75
CA GLN A 22 -19.00 -10.00 17.46
C GLN A 22 -20.08 -9.52 16.50
N ALA A 23 -21.25 -9.20 17.02
CA ALA A 23 -22.34 -8.67 16.19
C ALA A 23 -21.88 -7.36 15.57
N ALA A 24 -21.28 -6.46 16.37
CA ALA A 24 -20.79 -5.20 15.84
C ALA A 24 -19.80 -5.43 14.73
N LYS A 25 -18.90 -6.38 14.95
CA LYS A 25 -17.91 -6.69 13.88
C LYS A 25 -18.60 -7.17 12.64
N MET A 26 -19.62 -8.05 12.78
CA MET A 26 -20.38 -8.41 11.55
C MET A 26 -20.98 -7.24 10.79
N ARG A 27 -21.49 -6.27 11.54
CA ARG A 27 -22.05 -5.05 10.90
C ARG A 27 -20.96 -4.23 10.19
N VAL A 28 -19.73 -4.24 10.74
CA VAL A 28 -18.63 -3.60 9.98
C VAL A 28 -18.29 -4.43 8.75
N ALA A 29 -18.24 -5.76 8.93
CA ALA A 29 -17.90 -6.70 7.81
C ALA A 29 -18.90 -6.47 6.67
N GLN A 30 -20.21 -6.26 6.97
CA GLN A 30 -21.14 -6.05 5.88
C GLN A 30 -20.79 -4.78 5.09
N GLN A 31 -20.35 -3.74 5.81
CA GLN A 31 -20.01 -2.47 5.12
C GLN A 31 -18.77 -2.71 4.22
N ILE A 32 -17.81 -3.54 4.70
CA ILE A 32 -16.62 -3.78 3.92
C ILE A 32 -17.02 -4.61 2.67
N ASP A 33 -17.95 -5.53 2.84
CA ASP A 33 -18.46 -6.31 1.72
C ASP A 33 -19.13 -5.42 0.69
N ALA A 34 -19.97 -4.48 1.12
CA ALA A 34 -20.70 -3.63 0.17
C ALA A 34 -19.68 -2.76 -0.56
N ALA A 35 -18.70 -2.20 0.15
CA ALA A 35 -17.75 -1.33 -0.54
C ALA A 35 -16.89 -2.18 -1.51
N SER A 36 -16.50 -3.41 -1.11
CA SER A 36 -15.61 -4.22 -1.95
C SER A 36 -16.33 -4.66 -3.22
N ARG A 37 -17.66 -4.83 -3.14
CA ARG A 37 -18.44 -5.23 -4.31
C ARG A 37 -18.89 -4.05 -5.16
N ASP A 38 -18.74 -2.81 -4.68
CA ASP A 38 -19.14 -1.62 -5.45
C ASP A 38 -17.84 -1.05 -6.08
N THR A 39 -17.34 0.10 -5.61
CA THR A 39 -16.17 0.68 -6.29
C THR A 39 -14.89 0.06 -5.88
N GLY A 40 -14.90 -0.65 -4.72
CA GLY A 40 -13.69 -1.29 -4.29
C GLY A 40 -12.89 -0.49 -3.31
N PHE A 41 -13.37 0.69 -2.95
CA PHE A 41 -12.68 1.55 -2.00
C PHE A 41 -13.61 1.96 -0.87
N PHE A 42 -12.96 2.12 0.30
CA PHE A 42 -13.61 2.76 1.45
C PHE A 42 -12.58 3.51 2.23
N TYR A 43 -13.05 4.41 3.06
CA TYR A 43 -12.20 5.06 4.08
C TYR A 43 -12.46 4.40 5.42
N ALA A 44 -11.37 3.93 6.03
CA ALA A 44 -11.39 3.48 7.40
C ALA A 44 -11.24 4.67 8.31
N VAL A 45 -12.25 4.89 9.18
CA VAL A 45 -12.19 5.94 10.16
C VAL A 45 -12.27 5.37 11.57
N ASN A 46 -11.95 6.19 12.57
CA ASN A 46 -11.82 5.71 13.98
C ASN A 46 -10.83 4.59 14.07
N HIS A 47 -9.72 4.72 13.33
CA HIS A 47 -8.68 3.68 13.19
C HIS A 47 -7.62 3.77 14.28
N GLY A 48 -7.61 4.85 15.04
CA GLY A 48 -6.72 4.96 16.15
C GLY A 48 -5.29 5.44 15.92
N ILE A 49 -4.91 5.66 14.68
CA ILE A 49 -3.52 6.02 14.33
C ILE A 49 -3.38 7.54 14.25
N ASN A 50 -2.29 8.07 14.82
CA ASN A 50 -2.10 9.52 14.77
C ASN A 50 -1.48 9.86 13.39
N VAL A 51 -2.34 10.12 12.44
CA VAL A 51 -1.92 10.40 11.06
C VAL A 51 -1.36 11.81 10.93
N GLN A 52 -1.74 12.77 11.79
CA GLN A 52 -1.12 14.08 11.65
C GLN A 52 0.37 13.99 12.01
N ARG A 53 0.71 13.20 13.04
CA ARG A 53 2.12 13.09 13.47
C ARG A 53 2.85 12.28 12.40
N LEU A 54 2.23 11.24 11.84
CA LEU A 54 2.85 10.52 10.68
C LEU A 54 3.22 11.51 9.57
N SER A 55 2.28 12.36 9.20
CA SER A 55 2.51 13.37 8.12
C SER A 55 3.62 14.34 8.56
N GLN A 56 3.64 14.80 9.82
CA GLN A 56 4.65 15.78 10.23
C GLN A 56 6.06 15.14 10.21
N LYS A 57 6.18 13.91 10.73
CA LYS A 57 7.51 13.25 10.76
C LYS A 57 8.00 12.91 9.39
N THR A 58 7.06 12.52 8.51
CA THR A 58 7.38 12.23 7.09
C THR A 58 7.85 13.51 6.40
N LYS A 59 7.11 14.61 6.64
CA LYS A 59 7.55 15.93 6.05
C LYS A 59 8.93 16.29 6.47
N GLU A 60 9.21 16.14 7.76
CA GLU A 60 10.54 16.54 8.30
C GLU A 60 11.65 15.75 7.62
N PHE A 61 11.42 14.46 7.39
CA PHE A 61 12.35 13.60 6.67
C PHE A 61 12.49 14.02 5.25
N HIS A 62 11.40 14.10 4.49
CA HIS A 62 11.52 14.40 3.05
C HIS A 62 12.18 15.75 2.82
N MET A 63 11.89 16.71 3.68
CA MET A 63 12.37 18.08 3.45
C MET A 63 13.78 18.32 3.94
N SER A 64 14.33 17.35 4.68
CA SER A 64 15.65 17.57 5.20
C SER A 64 16.70 16.65 4.59
N ILE A 65 16.28 15.52 3.98
CA ILE A 65 17.24 14.62 3.37
C ILE A 65 17.96 15.25 2.18
N THR A 66 19.25 14.99 2.09
CA THR A 66 20.07 15.69 1.09
C THR A 66 20.47 14.76 -0.06
N PRO A 67 20.93 15.30 -1.21
CA PRO A 67 21.27 14.45 -2.34
C PRO A 67 22.30 13.43 -1.94
N GLU A 68 23.26 13.81 -1.07
CA GLU A 68 24.27 12.83 -0.69
C GLU A 68 23.60 11.62 0.02
N GLU A 69 22.68 11.93 0.94
CA GLU A 69 22.01 10.85 1.67
C GLU A 69 21.18 9.99 0.76
N LYS A 70 20.54 10.58 -0.24
CA LYS A 70 19.72 9.80 -1.15
C LYS A 70 20.58 8.80 -1.95
N TRP A 71 21.76 9.20 -2.43
CA TRP A 71 22.62 8.22 -3.11
C TRP A 71 23.01 7.13 -2.10
N ASP A 72 23.34 7.54 -0.88
CA ASP A 72 23.82 6.56 0.12
C ASP A 72 22.75 5.51 0.54
N LEU A 73 21.45 5.85 0.36
CA LEU A 73 20.30 4.99 0.70
C LEU A 73 19.68 4.39 -0.57
N ALA A 74 20.17 4.75 -1.76
CA ALA A 74 19.42 4.45 -3.00
C ALA A 74 19.25 2.97 -3.26
N ILE A 75 18.09 2.59 -3.77
CA ILE A 75 17.98 1.18 -4.33
C ILE A 75 18.82 0.96 -5.60
N ARG A 76 18.96 -0.28 -5.99
CA ARG A 76 19.86 -0.73 -7.05
C ARG A 76 19.51 -0.04 -8.34
N ALA A 77 18.23 0.26 -8.56
CA ALA A 77 17.82 0.95 -9.79
C ALA A 77 18.55 2.32 -10.00
N TYR A 78 18.96 2.95 -8.91
CA TYR A 78 19.65 4.25 -8.95
C TYR A 78 21.12 4.14 -8.59
N ASN A 79 21.51 3.11 -7.89
CA ASN A 79 22.92 2.96 -7.42
C ASN A 79 23.37 1.50 -7.57
N LYS A 80 24.19 1.27 -8.60
CA LYS A 80 24.68 -0.11 -8.89
C LYS A 80 25.47 -0.69 -7.75
N GLU A 81 25.94 0.14 -6.80
CA GLU A 81 26.68 -0.45 -5.70
C GLU A 81 25.76 -1.19 -4.72
N HIS A 82 24.46 -0.93 -4.75
CA HIS A 82 23.56 -1.47 -3.74
C HIS A 82 22.75 -2.64 -4.27
N GLN A 83 23.46 -3.71 -4.62
CA GLN A 83 22.88 -4.85 -5.29
C GLN A 83 21.81 -5.54 -4.48
N ASP A 84 21.93 -5.53 -3.16
CA ASP A 84 20.95 -6.16 -2.28
C ASP A 84 19.66 -5.36 -2.12
N GLN A 85 19.64 -4.09 -2.53
CA GLN A 85 18.46 -3.23 -2.34
C GLN A 85 17.59 -3.17 -3.57
N VAL A 86 16.64 -4.09 -3.64
CA VAL A 86 15.72 -4.11 -4.70
C VAL A 86 14.49 -3.33 -4.27
N ARG A 87 14.06 -3.59 -3.06
CA ARG A 87 12.82 -3.01 -2.48
C ARG A 87 13.07 -1.81 -1.56
N ALA A 88 13.92 -2.02 -0.58
CA ALA A 88 14.07 -1.06 0.53
C ALA A 88 15.13 -0.04 0.30
N GLY A 89 14.80 1.24 0.56
CA GLY A 89 15.77 2.38 0.41
C GLY A 89 15.13 3.53 -0.33
N TYR A 90 15.98 4.41 -0.84
CA TYR A 90 15.52 5.62 -1.48
C TYR A 90 15.35 5.47 -2.98
N TYR A 91 14.24 6.01 -3.47
CA TYR A 91 13.88 6.00 -4.89
C TYR A 91 13.94 7.46 -5.32
N LEU A 92 14.99 7.79 -6.06
CA LEU A 92 15.33 9.17 -6.33
C LEU A 92 14.43 9.81 -7.40
N SER A 93 14.18 11.14 -7.27
CA SER A 93 13.62 11.97 -8.35
C SER A 93 14.72 12.20 -9.41
N ILE A 94 14.26 12.62 -10.59
CA ILE A 94 15.23 13.01 -11.67
C ILE A 94 14.78 14.38 -12.12
N PRO A 95 15.36 15.47 -11.58
CA PRO A 95 14.84 16.82 -11.88
C PRO A 95 14.85 17.01 -13.36
N GLY A 96 13.78 17.62 -13.83
CA GLY A 96 13.55 17.75 -15.26
C GLY A 96 12.85 16.61 -15.93
N LYS A 97 12.72 15.48 -15.22
CA LYS A 97 12.24 14.21 -15.86
C LYS A 97 11.21 13.45 -15.02
N LYS A 98 11.51 13.32 -13.73
CA LYS A 98 10.71 12.48 -12.84
C LYS A 98 10.54 13.26 -11.53
N ALA A 99 9.30 13.56 -11.15
CA ALA A 99 9.08 14.42 -10.04
C ALA A 99 9.06 13.60 -8.74
N VAL A 100 8.40 12.45 -8.76
CA VAL A 100 8.16 11.72 -7.50
C VAL A 100 9.47 11.13 -6.94
N GLU A 101 9.56 11.04 -5.62
CA GLU A 101 10.64 10.34 -4.96
C GLU A 101 10.09 9.73 -3.67
N SER A 102 10.79 8.71 -3.17
CA SER A 102 10.20 8.05 -2.02
C SER A 102 11.22 7.24 -1.25
N PHE A 103 10.73 6.77 -0.08
CA PHE A 103 11.59 5.91 0.76
C PHE A 103 10.75 4.71 1.14
N CYS A 104 11.27 3.49 0.89
CA CYS A 104 10.51 2.27 1.18
C CYS A 104 11.24 1.53 2.31
N TYR A 105 10.48 0.97 3.26
CA TYR A 105 11.04 0.06 4.24
C TYR A 105 10.11 -1.11 4.49
N LEU A 106 10.75 -2.19 4.91
CA LEU A 106 10.08 -3.49 5.08
C LEU A 106 9.97 -3.79 6.59
N ASN A 107 9.57 -5.01 6.89
CA ASN A 107 9.46 -5.50 8.25
C ASN A 107 10.74 -5.19 9.04
N PRO A 108 10.59 -4.46 10.19
CA PRO A 108 11.80 -4.20 11.04
C PRO A 108 12.46 -5.44 11.60
N ASN A 109 11.67 -6.53 11.63
CA ASN A 109 12.18 -7.82 12.06
C ASN A 109 13.05 -8.55 11.06
N PHE A 110 13.20 -8.04 9.84
CA PHE A 110 14.16 -8.62 8.89
C PHE A 110 15.51 -7.99 9.22
N THR A 111 16.13 -8.63 10.18
CA THR A 111 17.46 -8.24 10.69
C THR A 111 18.49 -9.21 10.04
N PRO A 112 19.80 -8.93 10.22
CA PRO A 112 20.81 -9.80 9.58
C PRO A 112 20.74 -11.26 9.96
N ASP A 113 20.17 -11.53 11.13
CA ASP A 113 20.12 -12.90 11.66
C ASP A 113 18.77 -13.57 11.31
N HIS A 114 17.86 -12.86 10.66
CA HIS A 114 16.56 -13.47 10.33
C HIS A 114 16.79 -14.62 9.35
N PRO A 115 16.10 -15.77 9.54
CA PRO A 115 16.41 -16.93 8.70
C PRO A 115 16.15 -16.68 7.22
N ARG A 116 15.24 -15.75 6.87
CA ARG A 116 14.99 -15.51 5.46
C ARG A 116 16.05 -14.58 4.86
N ILE A 117 16.58 -13.67 5.69
CA ILE A 117 17.77 -12.87 5.30
C ILE A 117 18.99 -13.73 5.15
N GLN A 118 19.22 -14.62 6.11
CA GLN A 118 20.37 -15.55 5.97
C GLN A 118 20.29 -16.39 4.71
N ALA A 119 19.06 -16.79 4.37
CA ALA A 119 18.88 -17.61 3.20
C ALA A 119 18.91 -16.82 1.92
N LYS A 120 18.87 -15.49 2.03
CA LYS A 120 18.84 -14.62 0.84
C LYS A 120 17.59 -14.93 0.01
N THR A 121 16.45 -15.07 0.71
CA THR A 121 15.21 -15.42 0.04
C THR A 121 14.71 -14.15 -0.67
N PRO A 122 14.30 -14.25 -1.94
CA PRO A 122 13.81 -13.05 -2.66
C PRO A 122 12.73 -12.29 -1.93
N THR A 123 12.75 -10.95 -2.09
CA THR A 123 11.79 -9.97 -1.55
C THR A 123 12.03 -9.73 -0.04
N HIS A 124 13.02 -10.43 0.61
CA HIS A 124 13.37 -10.07 2.00
C HIS A 124 14.66 -9.26 1.99
N GLU A 125 14.71 -8.13 2.70
CA GLU A 125 15.93 -7.32 2.73
C GLU A 125 15.95 -6.72 4.13
N VAL A 126 17.17 -6.42 4.58
CA VAL A 126 17.37 -5.57 5.73
C VAL A 126 17.16 -4.09 5.38
N ASN A 127 16.32 -3.41 6.17
CA ASN A 127 16.11 -1.97 5.91
C ASN A 127 17.42 -1.20 5.99
N VAL A 128 17.45 -0.12 5.22
CA VAL A 128 18.50 0.89 5.35
C VAL A 128 17.89 2.18 5.89
N TRP A 129 18.67 2.93 6.69
CA TRP A 129 18.21 4.09 7.41
C TRP A 129 19.22 5.21 7.30
N PRO A 130 18.72 6.45 7.31
CA PRO A 130 19.66 7.60 7.28
C PRO A 130 20.41 7.68 8.62
N ASP A 131 21.44 8.51 8.64
CA ASP A 131 22.16 8.79 9.85
C ASP A 131 21.23 9.29 10.97
N GLU A 132 21.32 8.67 12.16
CA GLU A 132 20.50 9.12 13.27
C GLU A 132 20.74 10.58 13.67
N THR A 133 22.00 11.04 13.66
CA THR A 133 22.21 12.42 14.07
C THR A 133 21.62 13.44 13.05
N LYS A 134 21.48 13.05 11.76
CA LYS A 134 20.89 13.96 10.77
CA LYS A 134 20.90 13.94 10.75
C LYS A 134 19.38 13.91 10.78
N HIS A 135 18.83 12.77 11.22
CA HIS A 135 17.37 12.54 11.28
C HIS A 135 16.98 11.96 12.64
N PRO A 136 17.20 12.73 13.70
CA PRO A 136 16.97 12.14 15.02
C PRO A 136 15.54 11.70 15.19
N GLY A 137 15.41 10.50 15.71
CA GLY A 137 14.07 9.95 16.00
C GLY A 137 13.36 9.29 14.80
N PHE A 138 13.88 9.48 13.58
CA PHE A 138 13.15 9.05 12.40
C PHE A 138 13.01 7.55 12.32
N GLN A 139 14.12 6.83 12.45
CA GLN A 139 14.06 5.37 12.37
C GLN A 139 13.07 4.83 13.40
N ASP A 140 13.19 5.30 14.63
CA ASP A 140 12.31 4.79 15.69
C ASP A 140 10.87 5.12 15.38
N PHE A 141 10.59 6.33 14.89
CA PHE A 141 9.26 6.69 14.54
C PHE A 141 8.70 5.77 13.43
N ALA A 142 9.55 5.54 12.41
CA ALA A 142 9.11 4.82 11.25
C ALA A 142 8.84 3.33 11.59
N GLU A 143 9.70 2.78 12.43
CA GLU A 143 9.50 1.36 12.85
C GLU A 143 8.23 1.26 13.68
N GLN A 144 8.01 2.23 14.59
CA GLN A 144 6.81 2.16 15.40
C GLN A 144 5.56 2.33 14.45
N TYR A 145 5.69 3.20 13.42
CA TYR A 145 4.56 3.35 12.51
C TYR A 145 4.24 2.04 11.80
N TYR A 146 5.27 1.30 11.42
CA TYR A 146 5.05 0.02 10.76
C TYR A 146 4.14 -0.81 11.66
N TRP A 147 4.48 -0.86 12.98
CA TRP A 147 3.65 -1.71 13.82
C TRP A 147 2.24 -1.13 14.12
N ASP A 148 2.07 0.20 14.10
CA ASP A 148 0.75 0.79 14.30
C ASP A 148 -0.14 0.45 13.09
N VAL A 149 0.37 0.59 11.86
CA VAL A 149 -0.43 0.29 10.66
C VAL A 149 -0.51 -1.23 10.46
N PHE A 150 0.45 -2.00 10.97
CA PHE A 150 0.27 -3.46 10.97
C PHE A 150 -0.95 -3.83 11.82
N GLY A 151 -1.04 -3.24 13.01
CA GLY A 151 -2.22 -3.50 13.90
C GLY A 151 -3.54 -3.13 13.22
N LEU A 152 -3.63 -1.92 12.63
CA LEU A 152 -4.84 -1.54 11.89
C LEU A 152 -5.14 -2.60 10.83
N SER A 153 -4.07 -3.02 10.10
CA SER A 153 -4.28 -3.90 8.96
C SER A 153 -4.79 -5.25 9.42
N SER A 154 -4.29 -5.69 10.56
CA SER A 154 -4.76 -6.99 11.10
C SER A 154 -6.24 -6.83 11.44
N ALA A 155 -6.66 -5.74 12.05
CA ALA A 155 -8.10 -5.54 12.37
C ALA A 155 -8.91 -5.49 11.06
N LEU A 156 -8.41 -4.79 10.04
CA LEU A 156 -9.14 -4.78 8.76
C LEU A 156 -9.24 -6.18 8.16
N LEU A 157 -8.17 -6.99 8.27
CA LEU A 157 -8.23 -8.30 7.68
C LEU A 157 -9.25 -9.18 8.43
N LYS A 158 -9.50 -8.93 9.73
CA LYS A 158 -10.59 -9.68 10.41
C LYS A 158 -11.93 -9.30 9.79
N GLY A 159 -12.08 -8.01 9.48
CA GLY A 159 -13.32 -7.58 8.79
C GLY A 159 -13.50 -8.17 7.39
N TYR A 160 -12.44 -8.20 6.60
CA TYR A 160 -12.55 -8.85 5.29
C TYR A 160 -12.87 -10.35 5.39
N ALA A 161 -12.22 -11.02 6.34
CA ALA A 161 -12.52 -12.43 6.52
C ALA A 161 -14.02 -12.64 6.85
N LEU A 162 -14.50 -11.89 7.84
CA LEU A 162 -15.94 -12.05 8.24
C LEU A 162 -16.81 -11.72 7.06
N ALA A 163 -16.44 -10.69 6.29
CA ALA A 163 -17.21 -10.32 5.08
C ALA A 163 -17.35 -11.46 4.10
N LEU A 164 -16.34 -12.29 3.98
CA LEU A 164 -16.34 -13.34 2.98
C LEU A 164 -16.94 -14.61 3.56
N GLY A 165 -17.48 -14.57 4.77
CA GLY A 165 -18.09 -15.81 5.36
C GLY A 165 -17.09 -16.74 6.02
N LYS A 166 -15.91 -16.22 6.41
CA LYS A 166 -14.83 -16.99 7.05
C LYS A 166 -14.71 -16.60 8.48
N GLU A 167 -13.96 -17.39 9.23
CA GLU A 167 -13.63 -17.03 10.65
C GLU A 167 -12.70 -15.80 10.57
N GLU A 168 -12.62 -15.00 11.66
CA GLU A 168 -11.98 -13.68 11.55
C GLU A 168 -10.48 -13.81 11.37
N ASN A 169 -9.85 -14.94 11.74
CA ASN A 169 -8.39 -15.14 11.50
C ASN A 169 -8.01 -15.75 10.21
N PHE A 170 -8.97 -15.81 9.28
CA PHE A 170 -8.72 -16.44 7.99
C PHE A 170 -7.49 -15.87 7.21
N PHE A 171 -7.41 -14.55 7.15
CA PHE A 171 -6.25 -13.90 6.49
C PHE A 171 -5.21 -13.55 7.54
N ALA A 172 -5.67 -13.08 8.70
CA ALA A 172 -4.71 -12.64 9.72
C ALA A 172 -3.73 -13.66 10.23
N ARG A 173 -4.09 -14.95 10.19
CA ARG A 173 -3.14 -15.97 10.65
C ARG A 173 -1.94 -16.12 9.74
N HIS A 174 -2.00 -15.49 8.53
CA HIS A 174 -0.87 -15.47 7.60
C HIS A 174 -0.16 -14.13 7.56
N PHE A 175 -0.57 -13.26 8.45
CA PHE A 175 -0.04 -11.87 8.54
C PHE A 175 0.60 -11.72 9.91
N LYS A 176 1.91 -11.99 9.98
CA LYS A 176 2.57 -12.23 11.25
C LYS A 176 3.79 -11.28 11.36
N PRO A 177 4.03 -10.74 12.58
CA PRO A 177 5.15 -9.82 12.68
C PRO A 177 6.48 -10.43 12.33
N ASP A 178 6.67 -11.74 12.54
CA ASP A 178 7.97 -12.28 12.31
C ASP A 178 8.28 -12.48 10.85
N ASP A 179 7.27 -12.48 9.97
CA ASP A 179 7.55 -12.81 8.58
C ASP A 179 6.85 -12.01 7.51
N THR A 180 5.96 -11.08 7.87
CA THR A 180 5.22 -10.33 6.84
C THR A 180 6.15 -9.65 5.89
N LEU A 181 5.80 -9.78 4.59
CA LEU A 181 6.49 -9.04 3.52
C LEU A 181 5.89 -7.64 3.28
N ALA A 182 5.05 -7.16 4.21
CA ALA A 182 4.42 -5.85 4.05
C ALA A 182 5.51 -4.74 3.99
N SER A 183 5.17 -3.69 3.25
CA SER A 183 6.06 -2.54 3.12
C SER A 183 5.30 -1.22 3.41
N VAL A 184 6.05 -0.23 3.94
CA VAL A 184 5.63 1.20 3.98
C VAL A 184 6.40 1.90 2.87
N VAL A 185 5.73 2.80 2.18
CA VAL A 185 6.41 3.66 1.24
C VAL A 185 6.06 5.09 1.61
N LEU A 186 7.08 5.93 1.81
CA LEU A 186 6.87 7.32 2.13
C LEU A 186 7.12 8.09 0.85
N ILE A 187 6.03 8.40 0.10
CA ILE A 187 6.18 9.09 -1.22
C ILE A 187 6.01 10.58 -1.08
N ARG A 188 6.96 11.32 -1.63
CA ARG A 188 6.85 12.78 -1.78
C ARG A 188 6.44 13.04 -3.23
N TYR A 189 5.30 13.71 -3.42
CA TYR A 189 4.94 14.31 -4.71
C TYR A 189 5.17 15.78 -4.57
N PRO A 190 6.15 16.33 -5.28
CA PRO A 190 6.56 17.72 -5.02
C PRO A 190 5.69 18.73 -5.78
N TYR A 191 5.68 19.95 -5.30
CA TYR A 191 5.31 21.10 -6.10
C TYR A 191 6.55 21.51 -6.89
N LEU A 192 6.39 21.71 -8.20
CA LEU A 192 7.46 22.18 -9.05
C LEU A 192 7.01 23.28 -9.97
N ASP A 193 7.79 24.34 -10.07
CA ASP A 193 7.51 25.42 -11.02
C ASP A 193 8.83 25.75 -11.76
N PRO A 194 8.99 25.33 -13.02
CA PRO A 194 7.94 24.71 -13.90
C PRO A 194 7.89 23.21 -13.64
N TYR A 195 6.76 22.59 -13.90
CA TYR A 195 6.67 21.14 -13.63
C TYR A 195 7.16 20.44 -14.89
N PRO A 196 8.15 19.53 -14.79
CA PRO A 196 8.68 18.76 -15.97
C PRO A 196 7.55 18.04 -16.75
N GLU A 197 7.36 18.35 -18.03
CA GLU A 197 6.40 17.60 -18.86
C GLU A 197 6.71 16.11 -18.94
N ALA A 198 7.97 15.70 -18.90
CA ALA A 198 8.24 14.28 -18.88
C ALA A 198 7.73 13.52 -17.69
N ALA A 199 7.42 14.21 -16.57
CA ALA A 199 6.87 13.59 -15.38
C ALA A 199 5.36 13.62 -15.38
N ILE A 200 4.80 14.10 -16.48
CA ILE A 200 3.35 14.15 -16.62
C ILE A 200 2.99 13.17 -17.74
N LYS A 201 2.17 12.21 -17.41
CA LYS A 201 1.76 11.26 -18.42
C LYS A 201 0.37 11.71 -18.85
N THR A 202 -0.14 11.20 -19.98
CA THR A 202 -1.53 11.53 -20.37
C THR A 202 -2.25 10.21 -20.65
N ALA A 203 -3.40 10.02 -20.01
CA ALA A 203 -4.27 8.88 -20.24
C ALA A 203 -4.96 8.97 -21.61
N ALA A 204 -5.48 7.84 -22.07
CA ALA A 204 -6.21 7.77 -23.34
C ALA A 204 -7.42 8.72 -23.34
N ASP A 205 -8.00 8.95 -22.17
CA ASP A 205 -9.07 9.95 -22.10
C ASP A 205 -8.64 11.42 -21.94
N GLY A 206 -7.33 11.71 -21.98
CA GLY A 206 -6.80 13.04 -21.89
C GLY A 206 -6.42 13.53 -20.49
N THR A 207 -6.76 12.72 -19.50
CA THR A 207 -6.45 13.09 -18.12
C THR A 207 -4.92 13.08 -17.94
N LYS A 208 -4.38 14.13 -17.32
CA LYS A 208 -2.97 14.25 -16.97
C LYS A 208 -2.77 13.40 -15.74
N LEU A 209 -1.74 12.52 -15.80
CA LEU A 209 -1.44 11.60 -14.68
C LEU A 209 -0.03 11.71 -14.17
N SER A 210 0.15 11.32 -12.92
CA SER A 210 1.47 11.06 -12.43
C SER A 210 1.74 9.54 -12.42
N PHE A 211 0.71 8.69 -12.37
CA PHE A 211 0.95 7.21 -12.33
C PHE A 211 -0.24 6.58 -12.98
N GLU A 212 0.03 5.73 -13.96
CA GLU A 212 -0.99 5.16 -14.80
C GLU A 212 -1.89 4.10 -14.08
N TRP A 213 -2.91 3.65 -14.80
CA TRP A 213 -3.80 2.63 -14.29
C TRP A 213 -3.10 1.37 -13.87
N HIS A 214 -3.64 0.76 -12.80
CA HIS A 214 -3.00 -0.49 -12.31
C HIS A 214 -3.94 -1.08 -11.34
N GLU A 215 -3.67 -2.36 -11.06
CA GLU A 215 -4.24 -3.02 -9.89
C GLU A 215 -3.09 -3.16 -8.87
N ASP A 216 -3.40 -3.09 -7.58
CA ASP A 216 -2.31 -3.18 -6.61
C ASP A 216 -1.73 -4.61 -6.46
N VAL A 217 -0.42 -4.67 -6.13
CA VAL A 217 0.24 -5.89 -5.71
C VAL A 217 0.19 -5.93 -4.20
N SER A 218 -0.88 -6.55 -3.69
CA SER A 218 -1.06 -6.63 -2.25
C SER A 218 -2.25 -7.56 -2.03
N LEU A 219 -2.45 -7.94 -0.78
CA LEU A 219 -3.71 -8.52 -0.36
C LEU A 219 -4.73 -7.37 -0.21
N ILE A 220 -4.38 -6.39 0.68
CA ILE A 220 -5.11 -5.10 0.71
C ILE A 220 -4.06 -3.99 0.83
N THR A 221 -4.47 -2.77 0.52
CA THR A 221 -3.62 -1.58 0.58
C THR A 221 -4.24 -0.62 1.58
N VAL A 222 -3.41 -0.06 2.50
CA VAL A 222 -3.92 0.79 3.57
C VAL A 222 -3.16 2.10 3.45
N LEU A 223 -3.85 3.14 2.93
CA LEU A 223 -3.14 4.33 2.40
C LEU A 223 -3.51 5.60 3.12
N TYR A 224 -2.52 6.35 3.54
CA TYR A 224 -2.74 7.70 4.04
C TYR A 224 -2.26 8.60 2.87
N GLN A 225 -3.02 9.64 2.62
CA GLN A 225 -2.63 10.77 1.76
C GLN A 225 -3.02 12.12 2.27
N SER A 226 -2.23 13.13 1.89
CA SER A 226 -2.66 14.53 2.12
C SER A 226 -4.01 14.83 1.61
N ASN A 227 -4.53 15.98 1.98
CA ASN A 227 -5.85 16.39 1.57
C ASN A 227 -5.77 17.18 0.28
N VAL A 228 -5.28 16.54 -0.77
CA VAL A 228 -5.26 17.07 -2.11
C VAL A 228 -5.82 15.99 -3.02
N GLN A 229 -6.96 16.26 -3.66
CA GLN A 229 -7.62 15.20 -4.48
C GLN A 229 -6.73 14.81 -5.65
N ASN A 230 -6.59 13.49 -5.83
CA ASN A 230 -5.78 13.03 -6.98
C ASN A 230 -6.12 11.64 -7.52
N LEU A 231 -6.71 10.73 -6.71
CA LEU A 231 -6.97 9.38 -7.17
C LEU A 231 -8.25 9.23 -7.95
N GLN A 232 -8.20 8.30 -8.90
CA GLN A 232 -9.43 7.97 -9.60
C GLN A 232 -9.57 6.49 -9.64
N VAL A 233 -10.82 6.05 -9.64
CA VAL A 233 -11.05 4.57 -9.76
C VAL A 233 -11.87 4.30 -10.99
N GLU A 234 -11.53 3.26 -11.76
CA GLU A 234 -12.36 2.86 -12.87
C GLU A 234 -13.59 2.07 -12.35
N THR A 235 -14.74 2.51 -12.76
CA THR A 235 -15.96 1.80 -12.46
C THR A 235 -16.71 1.53 -13.77
N ALA A 236 -17.83 0.82 -13.64
CA ALA A 236 -18.75 0.62 -14.79
C ALA A 236 -19.16 1.94 -15.45
N ALA A 237 -19.19 3.04 -14.68
CA ALA A 237 -19.59 4.35 -15.23
C ALA A 237 -18.35 5.15 -15.60
N GLY A 238 -17.18 4.51 -15.65
CA GLY A 238 -15.96 5.16 -16.15
C GLY A 238 -15.05 5.57 -14.99
N TYR A 239 -14.01 6.35 -15.24
CA TYR A 239 -13.17 6.81 -14.14
C TYR A 239 -13.93 7.81 -13.31
N GLN A 240 -13.86 7.62 -11.99
CA GLN A 240 -14.45 8.53 -11.05
C GLN A 240 -13.46 9.05 -9.99
N ASP A 241 -13.68 10.26 -9.48
CA ASP A 241 -12.70 10.86 -8.52
C ASP A 241 -12.94 10.31 -7.13
N ILE A 242 -11.87 9.88 -6.51
CA ILE A 242 -11.90 9.53 -5.09
C ILE A 242 -11.59 10.79 -4.25
N GLU A 243 -12.54 11.18 -3.40
CA GLU A 243 -12.32 12.34 -2.57
C GLU A 243 -11.18 12.13 -1.61
N ALA A 244 -10.41 13.23 -1.36
CA ALA A 244 -9.33 13.08 -0.37
C ALA A 244 -9.96 13.15 1.02
N ASP A 245 -9.27 12.54 1.97
CA ASP A 245 -9.62 12.64 3.39
C ASP A 245 -8.32 12.32 4.16
N ASP A 246 -7.68 13.37 4.63
CA ASP A 246 -6.44 13.22 5.36
C ASP A 246 -6.66 12.88 6.85
N THR A 247 -7.88 12.47 7.23
CA THR A 247 -8.07 11.96 8.58
C THR A 247 -8.29 10.43 8.59
N GLY A 248 -8.57 9.86 7.43
CA GLY A 248 -8.86 8.44 7.29
C GLY A 248 -7.80 7.67 6.51
N TYR A 249 -7.91 6.33 6.48
CA TYR A 249 -7.10 5.51 5.61
C TYR A 249 -7.92 5.02 4.44
N LEU A 250 -7.46 5.21 3.24
CA LEU A 250 -8.16 4.68 2.09
C LEU A 250 -7.74 3.22 1.95
N ILE A 251 -8.74 2.34 1.85
CA ILE A 251 -8.50 0.90 1.80
C ILE A 251 -9.01 0.36 0.45
N ASN A 252 -8.26 -0.57 -0.12
CA ASN A 252 -8.75 -1.32 -1.28
C ASN A 252 -8.10 -2.66 -1.28
N CYS A 253 -8.62 -3.53 -2.09
CA CYS A 253 -8.04 -4.86 -2.29
C CYS A 253 -6.99 -4.81 -3.40
N GLY A 254 -6.00 -5.71 -3.29
CA GLY A 254 -5.05 -5.89 -4.40
C GLY A 254 -5.29 -7.27 -5.02
N SER A 255 -4.47 -7.58 -6.03
CA SER A 255 -4.81 -8.68 -6.92
C SER A 255 -4.67 -10.05 -6.22
N TYR A 256 -4.00 -10.13 -5.06
CA TYR A 256 -3.98 -11.45 -4.40
C TYR A 256 -5.38 -11.72 -3.85
N MET A 257 -6.04 -10.66 -3.30
CA MET A 257 -7.42 -10.86 -2.78
C MET A 257 -8.34 -11.24 -3.96
N ALA A 258 -8.17 -10.59 -5.13
CA ALA A 258 -8.99 -10.97 -6.30
C ALA A 258 -8.75 -12.45 -6.66
N HIS A 259 -7.49 -12.90 -6.66
CA HIS A 259 -7.23 -14.27 -6.96
C HIS A 259 -7.94 -15.20 -5.95
N LEU A 260 -7.75 -14.97 -4.65
CA LEU A 260 -8.29 -15.86 -3.61
C LEU A 260 -9.81 -15.91 -3.65
N THR A 261 -10.47 -14.83 -4.12
CA THR A 261 -11.93 -14.79 -4.01
C THR A 261 -12.57 -15.01 -5.39
N ASN A 262 -11.77 -15.39 -6.38
CA ASN A 262 -12.25 -15.58 -7.76
C ASN A 262 -12.87 -14.32 -8.31
N ASN A 263 -12.25 -13.18 -7.94
CA ASN A 263 -12.70 -11.88 -8.40
C ASN A 263 -14.01 -11.45 -7.81
N TYR A 264 -14.52 -12.12 -6.77
CA TYR A 264 -15.68 -11.60 -6.05
C TYR A 264 -15.37 -10.24 -5.39
N TYR A 265 -14.18 -10.17 -4.78
CA TYR A 265 -13.66 -8.83 -4.39
C TYR A 265 -12.56 -8.52 -5.38
N LYS A 266 -12.90 -7.71 -6.38
CA LYS A 266 -11.98 -7.34 -7.47
C LYS A 266 -10.84 -6.47 -6.84
N ALA A 267 -9.67 -6.49 -7.49
CA ALA A 267 -8.67 -5.44 -7.24
C ALA A 267 -9.05 -4.27 -8.14
N PRO A 268 -9.57 -3.17 -7.58
CA PRO A 268 -10.03 -2.12 -8.46
C PRO A 268 -8.89 -1.49 -9.20
N ILE A 269 -9.17 -1.16 -10.47
CA ILE A 269 -8.20 -0.44 -11.30
C ILE A 269 -8.26 1.05 -10.91
N HIS A 270 -7.09 1.66 -10.67
CA HIS A 270 -7.09 3.05 -10.26
C HIS A 270 -5.83 3.71 -10.77
N ARG A 271 -5.81 5.04 -10.73
CA ARG A 271 -4.65 5.78 -11.26
C ARG A 271 -4.52 7.09 -10.47
N VAL A 272 -3.38 7.77 -10.67
CA VAL A 272 -3.08 8.95 -9.91
C VAL A 272 -3.03 10.14 -10.88
N LYS A 273 -3.96 11.10 -10.72
CA LYS A 273 -3.91 12.32 -11.55
C LYS A 273 -2.67 13.15 -11.17
N TRP A 274 -2.20 13.89 -12.17
CA TRP A 274 -1.18 14.88 -11.97
C TRP A 274 -1.80 16.09 -11.30
N VAL A 275 -1.18 16.47 -10.21
CA VAL A 275 -1.57 17.68 -9.51
C VAL A 275 -0.27 18.42 -9.13
N ASN A 276 -0.17 19.70 -9.42
CA ASN A 276 1.08 20.39 -9.08
C ASN A 276 0.96 20.94 -7.65
N ALA A 277 1.20 20.07 -6.70
CA ALA A 277 0.98 20.33 -5.27
C ALA A 277 1.99 19.53 -4.50
N GLU A 278 2.51 20.10 -3.44
CA GLU A 278 3.37 19.43 -2.52
C GLU A 278 2.51 18.54 -1.62
N ARG A 279 2.70 17.23 -1.70
CA ARG A 279 1.81 16.29 -1.01
C ARG A 279 2.46 14.99 -0.68
N GLN A 280 1.75 14.17 0.09
CA GLN A 280 2.29 12.89 0.55
C GLN A 280 1.38 11.79 0.17
N SER A 281 2.00 10.68 -0.20
CA SER A 281 1.25 9.42 -0.41
C SER A 281 1.97 8.29 0.34
N LEU A 282 1.33 7.75 1.39
CA LEU A 282 2.02 6.89 2.37
C LEU A 282 1.29 5.51 2.42
N PRO A 283 1.47 4.69 1.38
CA PRO A 283 0.84 3.39 1.43
C PRO A 283 1.53 2.39 2.33
N PHE A 284 0.70 1.51 2.91
CA PHE A 284 1.18 0.26 3.54
C PHE A 284 0.57 -0.86 2.70
N PHE A 285 1.45 -1.64 2.10
CA PHE A 285 0.99 -2.82 1.33
C PHE A 285 0.92 -4.00 2.24
N VAL A 286 -0.31 -4.54 2.41
CA VAL A 286 -0.51 -5.66 3.33
C VAL A 286 -0.16 -6.93 2.52
N ASN A 287 1.06 -7.41 2.80
CA ASN A 287 1.54 -8.62 2.16
C ASN A 287 1.66 -9.72 3.20
N LEU A 288 1.50 -11.00 2.80
CA LEU A 288 1.59 -12.11 3.76
C LEU A 288 3.03 -12.60 3.88
N GLY A 289 3.23 -13.82 4.35
CA GLY A 289 4.61 -14.29 4.37
C GLY A 289 5.00 -14.98 3.09
N TYR A 290 6.30 -15.21 2.93
CA TYR A 290 6.78 -15.76 1.64
C TYR A 290 6.12 -17.07 1.22
N ASP A 291 5.92 -17.96 2.21
CA ASP A 291 5.32 -19.23 1.91
C ASP A 291 3.83 -19.31 2.19
N SER A 292 3.20 -18.20 2.57
CA SER A 292 1.77 -18.22 2.79
C SER A 292 0.96 -18.60 1.54
N VAL A 293 0.06 -19.59 1.65
CA VAL A 293 -0.80 -19.96 0.54
C VAL A 293 -2.19 -20.04 1.11
N ILE A 294 -3.12 -19.29 0.57
CA ILE A 294 -4.49 -19.53 0.97
C ILE A 294 -5.18 -20.24 -0.20
N ASP A 295 -5.98 -21.30 0.06
CA ASP A 295 -6.57 -21.97 -1.07
C ASP A 295 -7.66 -21.10 -1.67
N PRO A 296 -7.61 -20.90 -3.01
CA PRO A 296 -8.65 -20.02 -3.57
C PRO A 296 -10.10 -20.56 -3.39
N PHE A 297 -11.06 -19.67 -3.29
CA PHE A 297 -12.45 -20.08 -3.15
C PHE A 297 -13.30 -19.13 -3.91
N ASP A 298 -14.60 -19.38 -3.90
CA ASP A 298 -15.53 -18.48 -4.61
C ASP A 298 -16.80 -18.34 -3.80
N PRO A 299 -16.96 -17.19 -3.12
CA PRO A 299 -18.13 -17.01 -2.27
C PRO A 299 -19.42 -16.99 -3.07
N ARG A 300 -19.40 -16.87 -4.40
CA ARG A 300 -20.66 -16.82 -5.13
C ARG A 300 -21.14 -18.25 -5.46
N GLU A 301 -20.33 -19.27 -5.23
CA GLU A 301 -20.70 -20.66 -5.65
C GLU A 301 -21.18 -21.39 -4.42
N PRO A 302 -22.28 -22.16 -4.53
CA PRO A 302 -22.80 -22.86 -3.37
C PRO A 302 -21.76 -23.71 -2.64
N ASN A 303 -20.88 -24.44 -3.37
CA ASN A 303 -19.83 -25.27 -2.72
C ASN A 303 -18.51 -24.49 -2.42
N GLY A 304 -18.50 -23.20 -2.72
CA GLY A 304 -17.34 -22.34 -2.44
C GLY A 304 -16.11 -22.65 -3.31
N LYS A 305 -16.19 -23.64 -4.21
CA LYS A 305 -15.03 -24.06 -5.08
C LYS A 305 -14.69 -23.07 -6.19
N SER A 306 -13.40 -22.94 -6.47
CA SER A 306 -12.93 -22.10 -7.53
C SER A 306 -12.04 -22.89 -8.47
N ASP A 307 -11.92 -22.50 -9.73
CA ASP A 307 -10.99 -23.21 -10.64
C ASP A 307 -9.67 -22.50 -10.78
N ARG A 308 -9.21 -21.94 -9.68
CA ARG A 308 -7.89 -21.33 -9.61
C ARG A 308 -6.83 -22.11 -8.84
N GLU A 309 -5.58 -22.03 -9.31
CA GLU A 309 -4.52 -22.75 -8.61
C GLU A 309 -3.98 -21.98 -7.46
N PRO A 310 -3.61 -22.67 -6.37
CA PRO A 310 -3.01 -21.96 -5.28
C PRO A 310 -1.73 -21.31 -5.67
N LEU A 311 -1.51 -20.11 -5.13
CA LEU A 311 -0.36 -19.34 -5.47
C LEU A 311 0.29 -18.91 -4.16
N SER A 312 1.59 -19.15 -3.97
CA SER A 312 2.23 -18.68 -2.73
C SER A 312 2.40 -17.17 -2.79
N TYR A 313 2.33 -16.52 -1.62
CA TYR A 313 2.44 -15.10 -1.63
C TYR A 313 3.79 -14.61 -2.11
N GLY A 314 4.85 -15.34 -1.76
CA GLY A 314 6.15 -14.91 -2.21
C GLY A 314 6.26 -14.88 -3.73
N ASP A 315 5.76 -15.92 -4.40
CA ASP A 315 5.74 -16.00 -5.88
C ASP A 315 4.91 -14.84 -6.42
N TYR A 316 3.71 -14.64 -5.85
CA TYR A 316 2.85 -13.56 -6.28
C TYR A 316 3.61 -12.25 -6.21
N LEU A 317 4.25 -12.00 -5.06
CA LEU A 317 4.75 -10.64 -4.77
C LEU A 317 5.94 -10.39 -5.72
N GLN A 318 6.86 -11.35 -5.81
CA GLN A 318 8.03 -11.04 -6.59
C GLN A 318 7.68 -10.81 -8.05
N ASN A 319 6.79 -11.61 -8.63
CA ASN A 319 6.29 -11.43 -10.00
C ASN A 319 5.52 -10.14 -10.13
N GLY A 320 4.71 -9.79 -9.14
CA GLY A 320 3.80 -8.66 -9.33
C GLY A 320 4.60 -7.36 -9.29
N LEU A 321 5.64 -7.30 -8.42
CA LEU A 321 6.40 -6.07 -8.30
C LEU A 321 7.20 -5.81 -9.59
N VAL A 322 7.82 -6.84 -10.17
CA VAL A 322 8.46 -6.68 -11.46
C VAL A 322 7.48 -6.23 -12.55
N SER A 323 6.33 -6.88 -12.59
CA SER A 323 5.35 -6.60 -13.63
C SER A 323 4.87 -5.14 -13.53
N LEU A 324 4.65 -4.61 -12.32
CA LEU A 324 4.20 -3.28 -12.15
C LEU A 324 5.28 -2.29 -12.60
N ILE A 325 6.58 -2.59 -12.34
CA ILE A 325 7.63 -1.73 -12.87
C ILE A 325 7.65 -1.76 -14.42
N ASN A 326 7.48 -2.95 -14.99
CA ASN A 326 7.57 -3.03 -16.44
C ASN A 326 6.39 -2.26 -17.04
N LYS A 327 5.23 -2.34 -16.39
CA LYS A 327 4.04 -1.66 -16.94
C LYS A 327 4.09 -0.13 -16.83
N ASN A 328 4.31 0.32 -15.58
CA ASN A 328 4.14 1.74 -15.20
C ASN A 328 5.42 2.47 -14.91
N GLY A 329 6.56 1.78 -15.01
CA GLY A 329 7.87 2.41 -14.88
C GLY A 329 8.51 2.28 -13.51
N GLN A 330 9.82 2.38 -13.46
CA GLN A 330 10.53 2.41 -12.17
C GLN A 330 10.18 3.71 -11.42
N THR A 331 9.59 3.59 -10.23
CA THR A 331 9.27 4.74 -9.38
C THR A 331 10.50 5.21 -8.64
C8 M8F B . 4.16 0.55 -6.19
O9 M8F B . 4.91 1.13 -7.01
O4 M8F B . 8.82 -3.13 -2.36
C7 M8F B . 4.60 -0.73 -5.51
C2 M8F B . 7.66 -2.68 -2.09
C1 M8F B . 7.31 -1.42 -2.78
C5 M8F B . 6.16 -1.64 -3.78
C6 M8F B . 5.66 -0.35 -4.47
N1 M8F B . 8.55 -0.84 -3.48
O3 M8F B . 6.82 -3.26 -1.40
N10 M8F B . 2.92 1.00 -5.91
C11 M8F B . 2.35 2.24 -6.52
C14 M8F B . 2.15 3.31 -5.40
O15 M8F B . 2.58 3.16 -4.24
C12 M8F B . 0.95 1.84 -7.06
S13 M8F B . -0.06 1.03 -5.76
N16 M8F B . 1.41 4.34 -5.74
C17 M8F B . 1.14 5.42 -4.77
C22 M8F B . 1.01 6.76 -5.41
O24 M8F B . 1.49 6.86 -6.54
C18 M8F B . -0.09 5.12 -3.89
C19 M8F B . -0.87 3.89 -4.31
S20 M8F B . -1.73 4.00 -5.93
C21 M8F B . -3.05 4.97 -5.28
O23 M8F B . 0.44 7.70 -4.80
FE FE C . -2.31 1.52 -6.25
S SO4 D . -22.73 -0.76 16.00
O1 SO4 D . -22.94 -1.89 16.89
O2 SO4 D . -23.93 0.14 15.87
O3 SO4 D . -21.57 -0.04 16.56
O4 SO4 D . -22.48 -1.37 14.68
S SO4 E . 7.60 7.15 18.35
O1 SO4 E . 8.93 6.90 17.82
O2 SO4 E . 7.27 5.99 19.25
O3 SO4 E . 7.75 8.43 19.15
O4 SO4 E . 6.30 7.12 17.57
C1 GOL F . 18.72 -3.68 2.41
O1 GOL F . 17.79 -3.35 1.41
C2 GOL F . 19.79 -4.68 2.14
O2 GOL F . 20.45 -4.58 3.43
C3 GOL F . 19.22 -6.10 1.88
O3 GOL F . 19.36 -7.08 2.87
#